data_4K25
#
_entry.id   4K25
#
_cell.length_a   64.597
_cell.length_b   130.983
_cell.length_c   47.866
_cell.angle_alpha   90.00
_cell.angle_beta   90.00
_cell.angle_gamma   90.00
#
_symmetry.space_group_name_H-M   'P 21 21 2'
#
loop_
_entity.id
_entity.type
_entity.pdbx_description
1 polymer 'Probable tRNA threonylcarbamoyladenosine biosynthesis protein QRI7, mitochondrial'
2 non-polymer 'ZINC ION'
3 non-polymer 'CALCIUM ION'
#
_entity_poly.entity_id   1
_entity_poly.type   'polypeptide(L)'
_entity_poly.pdbx_seq_one_letter_code
;GA(MSE)DPRKGYKVLAIETSCDDTCVSVLDRFSKSAAPNVLANLKDTLDSIDEGGIIPTKAHIHHQARIGPLTERALIE
SNAREGIDLICVTRGPG(MSE)PGSLSGGLDFAKGLAVAWNKPLIGVHH(MSE)LGHLLIPR(MSE)GTNGKVPQFPFVS
LLVSGGHTTFVLSRAIDDHEILCDTIDIAVGDSLDKCGRELGFKGT(MSE)IARE(MSE)EKFINQDINDQDFALKLE
(MSE)PSPLKNSASKRN(MSE)LSFSFSAFITALRTNLTKLGKTEIQELPEREIRSIAYQVQESVFDHIINKLKHVLKSQ
PEKFKNVREFVCSGGVSSNQRLRTKLETELGTLNSTSFFNFYYPP(MSE)DLCSDNSI(MSE)IGWAGIEIWESLRLVSD
LDICPIRQWPLNDLLSVDGWRTDQL
;
_entity_poly.pdbx_strand_id   A
#
loop_
_chem_comp.id
_chem_comp.type
_chem_comp.name
_chem_comp.formula
CA non-polymer 'CALCIUM ION' 'Ca 2'
ZN non-polymer 'ZINC ION' 'Zn 2'
#
# COMPACT_ATOMS: atom_id res chain seq x y z
N TYR A 9 17.98 19.92 -7.89
CA TYR A 9 17.17 19.09 -7.02
C TYR A 9 16.08 18.37 -7.82
N LYS A 10 16.52 17.42 -8.66
CA LYS A 10 15.69 16.53 -9.45
C LYS A 10 16.02 15.13 -8.94
N VAL A 11 15.01 14.45 -8.37
CA VAL A 11 15.13 13.13 -7.74
C VAL A 11 14.87 11.97 -8.70
N LEU A 12 15.85 11.07 -8.83
CA LEU A 12 15.70 9.83 -9.59
C LEU A 12 15.28 8.81 -8.54
N ALA A 13 14.13 8.15 -8.74
CA ALA A 13 13.61 7.17 -7.79
C ALA A 13 13.42 5.81 -8.44
N ILE A 14 13.69 4.72 -7.67
CA ILE A 14 13.57 3.33 -8.16
C ILE A 14 12.82 2.41 -7.18
N GLU A 15 11.97 1.51 -7.72
CA GLU A 15 11.21 0.48 -7.00
C GLU A 15 11.41 -0.86 -7.73
N THR A 16 12.10 -1.82 -7.06
CA THR A 16 12.43 -3.15 -7.59
C THR A 16 12.21 -4.29 -6.56
N SER A 17 11.32 -4.10 -5.55
CA SER A 17 11.11 -5.11 -4.50
C SER A 17 10.23 -6.32 -4.86
N CYS A 18 9.04 -6.10 -5.47
CA CYS A 18 8.12 -7.18 -5.82
C CYS A 18 8.15 -7.63 -7.30
N ASP A 19 7.12 -7.28 -8.10
CA ASP A 19 6.99 -7.64 -9.52
C ASP A 19 7.03 -6.42 -10.43
N ASP A 20 6.77 -5.23 -9.87
CA ASP A 20 6.76 -3.97 -10.61
C ASP A 20 8.16 -3.31 -10.64
N THR A 21 8.68 -3.08 -11.86
CA THR A 21 9.95 -2.40 -12.08
C THR A 21 9.59 -0.92 -12.31
N CYS A 22 9.90 -0.06 -11.34
CA CYS A 22 9.52 1.34 -11.46
C CYS A 22 10.69 2.31 -11.44
N VAL A 23 10.64 3.34 -12.31
CA VAL A 23 11.64 4.42 -12.47
C VAL A 23 10.86 5.73 -12.61
N SER A 24 11.10 6.70 -11.69
CA SER A 24 10.43 8.00 -11.74
C SER A 24 11.32 9.19 -11.41
N VAL A 25 11.35 10.19 -12.32
CA VAL A 25 12.11 11.44 -12.21
C VAL A 25 11.19 12.51 -11.63
N LEU A 26 11.54 13.03 -10.44
CA LEU A 26 10.76 14.07 -9.75
C LEU A 26 11.40 15.45 -9.88
N ASP A 27 10.60 16.52 -9.73
CA ASP A 27 11.09 17.89 -9.83
C ASP A 27 10.75 18.68 -8.57
N ARG A 28 11.75 18.90 -7.72
CA ARG A 28 11.57 19.69 -6.51
C ARG A 28 11.95 21.16 -6.82
N PHE A 29 10.96 21.94 -7.28
CA PHE A 29 11.08 23.35 -7.64
C PHE A 29 11.56 24.19 -6.46
N SER A 30 11.00 23.93 -5.26
CA SER A 30 11.33 24.60 -4.00
C SER A 30 10.93 23.71 -2.82
N LYS A 31 11.32 24.11 -1.58
CA LYS A 31 10.98 23.36 -0.36
C LYS A 31 9.57 23.72 0.13
N SER A 32 8.57 23.67 -0.81
CA SER A 32 7.16 23.99 -0.60
C SER A 32 6.22 23.30 -1.62
N ALA A 33 6.79 22.70 -2.70
CA ALA A 33 6.05 22.00 -3.77
C ALA A 33 6.92 20.95 -4.46
N ALA A 34 6.31 19.86 -5.01
CA ALA A 34 7.06 18.80 -5.70
C ALA A 34 6.42 18.10 -6.95
N PRO A 35 6.07 18.81 -8.06
CA PRO A 35 5.52 18.11 -9.24
C PRO A 35 6.39 17.00 -9.83
N ASN A 36 5.74 15.92 -10.33
CA ASN A 36 6.38 14.73 -10.93
C ASN A 36 6.66 14.86 -12.44
N VAL A 37 7.96 14.88 -12.83
CA VAL A 37 8.39 14.99 -14.24
C VAL A 37 8.07 13.72 -15.07
N LEU A 38 8.68 12.57 -14.72
CA LEU A 38 8.45 11.31 -15.44
C LEU A 38 8.19 10.15 -14.48
N ALA A 39 7.51 9.09 -14.96
CA ALA A 39 7.16 7.88 -14.20
C ALA A 39 6.93 6.68 -15.13
N ASN A 40 7.75 5.63 -14.98
CA ASN A 40 7.70 4.39 -15.76
C ASN A 40 7.39 3.17 -14.89
N LEU A 41 6.76 2.14 -15.49
CA LEU A 41 6.41 0.88 -14.83
C LEU A 41 6.34 -0.28 -15.83
N LYS A 42 6.97 -1.42 -15.48
CA LYS A 42 7.01 -2.65 -16.27
C LYS A 42 6.82 -3.82 -15.30
N ASP A 43 5.70 -4.55 -15.45
CA ASP A 43 5.34 -5.67 -14.57
C ASP A 43 5.69 -7.03 -15.19
N THR A 44 5.95 -8.03 -14.33
CA THR A 44 6.32 -9.39 -14.72
C THR A 44 5.17 -10.08 -15.45
N LEU A 45 5.44 -10.59 -16.67
CA LEU A 45 4.47 -11.31 -17.49
C LEU A 45 4.24 -12.70 -16.89
N ASP A 46 2.96 -13.06 -16.66
CA ASP A 46 2.59 -14.34 -16.07
C ASP A 46 1.52 -15.08 -16.88
N SER A 47 1.57 -16.42 -16.87
CA SER A 47 0.63 -17.29 -17.59
C SER A 47 -0.48 -17.79 -16.67
N THR A 56 9.48 -16.68 -16.12
CA THR A 56 10.37 -15.52 -16.04
C THR A 56 10.50 -15.01 -14.59
N LYS A 57 11.71 -15.15 -14.01
CA LYS A 57 12.04 -14.76 -12.63
C LYS A 57 11.96 -13.25 -12.43
N ALA A 58 11.54 -12.82 -11.23
CA ALA A 58 11.41 -11.40 -10.86
C ALA A 58 12.76 -10.69 -10.81
N HIS A 59 13.81 -11.37 -10.29
CA HIS A 59 15.15 -10.79 -10.21
C HIS A 59 15.71 -10.53 -11.61
N ILE A 60 15.64 -11.54 -12.53
CA ILE A 60 16.07 -11.45 -13.93
C ILE A 60 15.26 -10.36 -14.66
N HIS A 61 13.94 -10.27 -14.40
CA HIS A 61 13.08 -9.25 -15.01
C HIS A 61 13.57 -7.85 -14.63
N HIS A 62 13.59 -7.50 -13.32
CA HIS A 62 14.06 -6.21 -12.82
C HIS A 62 15.45 -5.85 -13.40
N GLN A 63 16.41 -6.80 -13.36
CA GLN A 63 17.79 -6.69 -13.88
C GLN A 63 17.85 -6.37 -15.37
N ALA A 64 16.85 -6.82 -16.15
CA ALA A 64 16.80 -6.56 -17.58
C ALA A 64 16.00 -5.31 -17.92
N ARG A 65 15.12 -4.87 -17.00
CA ARG A 65 14.27 -3.71 -17.25
C ARG A 65 14.87 -2.39 -16.81
N ILE A 66 15.33 -2.32 -15.55
CA ILE A 66 15.90 -1.13 -14.93
C ILE A 66 16.77 -0.22 -15.80
N GLY A 67 17.74 -0.82 -16.51
CA GLY A 67 18.66 -0.14 -17.41
C GLY A 67 17.93 0.63 -18.50
N PRO A 68 17.34 -0.08 -19.50
CA PRO A 68 16.60 0.64 -20.56
C PRO A 68 15.39 1.45 -20.05
N LEU A 69 14.80 1.05 -18.90
CA LEU A 69 13.67 1.76 -18.29
C LEU A 69 14.11 3.10 -17.65
N THR A 70 15.41 3.29 -17.39
CA THR A 70 15.91 4.54 -16.82
C THR A 70 16.33 5.50 -17.94
N GLU A 71 17.02 5.00 -18.99
CA GLU A 71 17.45 5.82 -20.12
C GLU A 71 16.31 6.52 -20.86
N ARG A 72 15.19 5.80 -21.10
CA ARG A 72 13.99 6.33 -21.75
C ARG A 72 13.32 7.34 -20.81
N ALA A 73 13.32 7.03 -19.49
CA ALA A 73 12.76 7.89 -18.43
C ALA A 73 13.62 9.14 -18.23
N LEU A 74 14.91 9.10 -18.65
CA LEU A 74 15.83 10.24 -18.58
C LEU A 74 15.80 11.05 -19.86
N ILE A 75 15.58 10.39 -21.02
CA ILE A 75 15.49 11.01 -22.35
C ILE A 75 14.19 11.83 -22.42
N GLU A 76 13.07 11.24 -21.94
CA GLU A 76 11.77 11.90 -21.92
C GLU A 76 11.67 12.98 -20.83
N SER A 77 12.42 12.81 -19.71
CA SER A 77 12.45 13.79 -18.62
C SER A 77 13.28 15.02 -18.99
N ASN A 78 13.42 15.96 -18.04
CA ASN A 78 14.16 17.22 -18.18
C ASN A 78 15.57 17.02 -18.73
N ALA A 79 16.46 16.33 -17.98
CA ALA A 79 17.84 16.08 -18.37
C ALA A 79 18.42 14.81 -17.73
N ARG A 80 19.54 14.32 -18.30
CA ARG A 80 20.32 13.17 -17.88
C ARG A 80 21.41 13.61 -16.90
N GLU A 81 21.78 14.90 -16.93
CA GLU A 81 22.81 15.51 -16.08
C GLU A 81 22.21 16.38 -14.96
N GLY A 82 20.90 16.58 -15.01
CA GLY A 82 20.15 17.38 -14.05
C GLY A 82 19.71 16.69 -12.77
N ILE A 83 20.08 15.40 -12.57
CA ILE A 83 19.72 14.62 -11.38
C ILE A 83 20.64 14.95 -10.20
N ASP A 84 20.04 15.29 -9.04
CA ASP A 84 20.75 15.69 -7.82
C ASP A 84 20.71 14.72 -6.64
N LEU A 85 19.74 13.79 -6.62
CA LEU A 85 19.57 12.80 -5.55
C LEU A 85 19.04 11.51 -6.14
N ILE A 86 19.58 10.38 -5.69
CA ILE A 86 19.16 9.06 -6.18
C ILE A 86 18.51 8.24 -5.05
N CYS A 87 17.17 8.13 -5.12
CA CYS A 87 16.39 7.33 -4.17
C CYS A 87 16.15 5.96 -4.76
N VAL A 88 16.22 4.92 -3.92
CA VAL A 88 16.06 3.53 -4.33
C VAL A 88 15.48 2.70 -3.16
N THR A 89 14.84 1.58 -3.48
CA THR A 89 14.26 0.70 -2.48
C THR A 89 15.26 -0.28 -1.87
N ARG A 90 15.62 -0.04 -0.59
CA ARG A 90 16.51 -0.91 0.18
C ARG A 90 15.59 -1.80 1.00
N GLY A 91 14.34 -1.34 1.14
CA GLY A 91 13.21 -1.91 1.88
C GLY A 91 12.92 -3.40 1.79
N PRO A 92 11.90 -3.86 2.56
CA PRO A 92 11.58 -5.31 2.57
C PRO A 92 11.24 -5.87 1.19
N GLY A 93 11.67 -7.10 0.96
CA GLY A 93 11.46 -7.81 -0.30
C GLY A 93 12.56 -8.79 -0.66
N MSE A 94 12.48 -9.37 -1.86
CA MSE A 94 13.45 -10.35 -2.36
C MSE A 94 14.82 -9.73 -2.58
O MSE A 94 14.94 -8.76 -3.34
CB MSE A 94 12.94 -11.05 -3.63
CG MSE A 94 11.72 -11.97 -3.37
SE MSE A 94 11.96 -13.16 -1.83
CE MSE A 94 10.85 -12.18 -0.48
N PRO A 95 15.87 -10.22 -1.87
CA PRO A 95 17.21 -9.60 -1.99
C PRO A 95 17.72 -9.50 -3.42
N GLY A 96 17.61 -10.61 -4.18
CA GLY A 96 18.02 -10.70 -5.57
C GLY A 96 17.30 -9.73 -6.48
N SER A 97 15.97 -9.56 -6.26
CA SER A 97 15.11 -8.65 -7.03
C SER A 97 15.46 -7.18 -6.75
N LEU A 98 15.56 -6.80 -5.46
CA LEU A 98 15.88 -5.41 -5.12
C LEU A 98 17.36 -5.03 -5.26
N SER A 99 18.26 -6.04 -5.39
CA SER A 99 19.69 -5.78 -5.66
C SER A 99 19.82 -5.17 -7.08
N GLY A 100 18.91 -5.55 -7.98
CA GLY A 100 18.85 -5.06 -9.35
C GLY A 100 18.69 -3.56 -9.48
N GLY A 101 17.88 -2.98 -8.60
CA GLY A 101 17.63 -1.54 -8.54
C GLY A 101 18.70 -0.83 -7.74
N LEU A 102 19.16 -1.47 -6.65
CA LEU A 102 20.16 -0.95 -5.72
C LEU A 102 21.53 -0.78 -6.37
N ASP A 103 22.08 -1.87 -6.96
CA ASP A 103 23.39 -1.87 -7.61
C ASP A 103 23.39 -0.91 -8.79
N PHE A 104 22.25 -0.81 -9.49
CA PHE A 104 22.03 0.13 -10.58
C PHE A 104 22.05 1.57 -10.07
N ALA A 105 21.38 1.84 -8.92
CA ALA A 105 21.32 3.15 -8.27
C ALA A 105 22.71 3.58 -7.79
N LYS A 106 23.55 2.61 -7.33
CA LYS A 106 24.92 2.86 -6.90
C LYS A 106 25.69 3.35 -8.12
N GLY A 107 25.49 2.67 -9.26
CA GLY A 107 26.11 3.00 -10.53
C GLY A 107 25.81 4.41 -10.98
N LEU A 108 24.55 4.89 -10.79
CA LEU A 108 24.14 6.24 -11.15
C LEU A 108 24.84 7.24 -10.20
N ALA A 109 24.76 6.96 -8.88
CA ALA A 109 25.33 7.76 -7.79
C ALA A 109 26.84 7.99 -7.96
N VAL A 110 27.63 6.90 -8.14
CA VAL A 110 29.08 6.96 -8.34
C VAL A 110 29.43 7.75 -9.62
N ALA A 111 28.71 7.48 -10.72
CA ALA A 111 28.90 8.14 -12.01
C ALA A 111 28.58 9.64 -12.03
N TRP A 112 27.49 10.05 -11.37
CA TRP A 112 27.08 11.46 -11.30
C TRP A 112 27.75 12.20 -10.15
N ASN A 113 28.26 11.45 -9.14
CA ASN A 113 28.90 11.96 -7.91
C ASN A 113 27.81 12.66 -7.06
N LYS A 114 26.65 11.97 -6.92
CA LYS A 114 25.49 12.47 -6.17
C LYS A 114 25.05 11.52 -5.05
N PRO A 115 24.32 12.01 -3.99
CA PRO A 115 23.93 11.12 -2.87
C PRO A 115 22.94 10.01 -3.21
N LEU A 116 22.89 8.99 -2.35
CA LEU A 116 21.99 7.85 -2.47
C LEU A 116 21.22 7.68 -1.17
N ILE A 117 19.89 7.51 -1.26
CA ILE A 117 19.05 7.30 -0.09
C ILE A 117 18.21 6.02 -0.21
N GLY A 118 18.67 4.95 0.46
CA GLY A 118 18.02 3.64 0.50
C GLY A 118 16.77 3.67 1.35
N VAL A 119 15.61 3.64 0.69
CA VAL A 119 14.28 3.76 1.29
C VAL A 119 13.62 2.41 1.69
N HIS A 120 12.89 2.43 2.83
CA HIS A 120 12.07 1.33 3.35
C HIS A 120 10.79 1.34 2.50
N HIS A 121 10.47 0.21 1.83
CA HIS A 121 9.30 0.06 0.96
C HIS A 121 8.00 0.52 1.62
N MSE A 122 7.70 0.01 2.83
CA MSE A 122 6.51 0.37 3.58
C MSE A 122 6.45 1.87 3.96
O MSE A 122 5.34 2.41 4.06
CB MSE A 122 6.33 -0.51 4.80
CG MSE A 122 4.87 -0.80 5.12
SE MSE A 122 4.67 -1.43 6.94
CE MSE A 122 5.66 -3.15 6.80
N LEU A 123 7.62 2.52 4.13
CA LEU A 123 7.69 3.95 4.43
C LEU A 123 7.20 4.78 3.23
N GLY A 124 7.40 4.26 2.01
CA GLY A 124 6.94 4.89 0.78
C GLY A 124 5.42 4.98 0.74
N HIS A 125 4.74 3.85 1.06
CA HIS A 125 3.29 3.73 1.12
C HIS A 125 2.69 4.71 2.14
N LEU A 126 3.26 4.75 3.35
CA LEU A 126 2.82 5.61 4.47
C LEU A 126 3.09 7.09 4.26
N LEU A 127 4.20 7.43 3.59
CA LEU A 127 4.57 8.82 3.33
C LEU A 127 3.97 9.40 2.04
N ILE A 128 3.69 8.56 1.01
CA ILE A 128 3.11 8.95 -0.28
C ILE A 128 1.93 9.96 -0.22
N PRO A 129 0.90 9.81 0.66
CA PRO A 129 -0.20 10.80 0.67
C PRO A 129 0.15 12.22 1.10
N ARG A 130 1.43 12.47 1.48
CA ARG A 130 1.94 13.78 1.91
C ARG A 130 2.54 14.62 0.76
N MSE A 131 2.94 13.97 -0.35
CA MSE A 131 3.58 14.62 -1.50
C MSE A 131 2.78 15.78 -2.11
O MSE A 131 3.35 16.86 -2.30
CB MSE A 131 3.99 13.60 -2.58
CG MSE A 131 4.92 14.20 -3.62
SE MSE A 131 5.14 13.10 -5.19
CE MSE A 131 3.36 13.35 -6.00
N GLY A 132 1.50 15.55 -2.41
CA GLY A 132 0.59 16.51 -3.01
C GLY A 132 0.43 17.81 -2.24
N THR A 133 0.50 17.72 -0.90
CA THR A 133 0.35 18.87 0.01
C THR A 133 1.68 19.32 0.65
N ASN A 134 2.81 18.72 0.21
CA ASN A 134 4.19 18.97 0.70
C ASN A 134 4.33 18.72 2.22
N GLY A 135 3.78 17.58 2.67
CA GLY A 135 3.79 17.14 4.06
C GLY A 135 3.12 18.09 5.03
N LYS A 136 1.87 18.50 4.71
CA LYS A 136 1.11 19.44 5.53
C LYS A 136 -0.26 18.90 5.92
N VAL A 137 -1.12 18.58 4.92
CA VAL A 137 -2.48 18.05 5.14
C VAL A 137 -2.50 16.79 6.01
N PRO A 138 -1.80 15.66 5.68
CA PRO A 138 -1.77 14.53 6.63
C PRO A 138 -0.71 14.86 7.68
N GLN A 139 -1.12 15.68 8.68
CA GLN A 139 -0.29 16.19 9.79
C GLN A 139 0.33 15.06 10.58
N PHE A 140 1.61 15.23 10.99
CA PHE A 140 2.42 14.27 11.75
C PHE A 140 1.72 13.31 12.73
N PRO A 141 0.92 13.75 13.74
CA PRO A 141 0.23 12.74 14.57
C PRO A 141 -1.01 12.21 13.83
N PHE A 142 -0.82 11.13 13.04
CA PHE A 142 -1.89 10.52 12.24
C PHE A 142 -1.95 9.00 12.33
N VAL A 143 -3.11 8.43 11.94
CA VAL A 143 -3.36 6.99 11.92
C VAL A 143 -3.71 6.52 10.49
N SER A 144 -3.26 5.33 10.07
CA SER A 144 -3.48 4.84 8.70
C SER A 144 -3.82 3.35 8.55
N LEU A 145 -4.71 3.03 7.59
CA LEU A 145 -5.11 1.67 7.25
C LEU A 145 -4.57 1.33 5.86
N LEU A 146 -3.66 0.34 5.79
CA LEU A 146 -3.04 -0.11 4.55
C LEU A 146 -3.70 -1.40 4.07
N VAL A 147 -4.84 -1.26 3.38
CA VAL A 147 -5.59 -2.40 2.86
C VAL A 147 -5.31 -2.65 1.37
N SER A 148 -4.40 -3.59 1.10
CA SER A 148 -3.97 -3.96 -0.24
C SER A 148 -4.07 -5.49 -0.45
N GLY A 149 -3.55 -5.96 -1.59
CA GLY A 149 -3.51 -7.37 -1.93
C GLY A 149 -2.39 -8.11 -1.21
N GLY A 150 -1.44 -7.35 -0.65
CA GLY A 150 -0.29 -7.87 0.09
C GLY A 150 -0.26 -7.44 1.54
N HIS A 151 -0.80 -6.24 1.85
CA HIS A 151 -0.85 -5.67 3.19
C HIS A 151 -2.27 -5.73 3.76
N THR A 152 -2.39 -5.50 5.10
CA THR A 152 -3.57 -5.29 5.96
C THR A 152 -3.04 -4.87 7.32
N THR A 153 -2.57 -3.60 7.41
CA THR A 153 -1.95 -3.02 8.60
C THR A 153 -2.55 -1.66 9.01
N PHE A 154 -2.70 -1.44 10.34
CA PHE A 154 -3.20 -0.21 10.97
C PHE A 154 -2.03 0.48 11.69
N VAL A 155 -1.45 1.52 11.05
CA VAL A 155 -0.23 2.22 11.49
C VAL A 155 -0.43 3.64 12.01
N LEU A 156 0.22 3.96 13.15
CA LEU A 156 0.23 5.28 13.76
C LEU A 156 1.64 5.87 13.61
N SER A 157 1.75 7.03 12.95
CA SER A 157 3.01 7.73 12.74
C SER A 157 3.07 8.91 13.69
N ARG A 158 4.19 9.07 14.40
CA ARG A 158 4.39 10.17 15.35
C ARG A 158 5.41 11.19 14.80
N ALA A 159 6.24 10.72 13.83
CA ALA A 159 7.28 11.42 13.08
C ALA A 159 7.64 10.50 11.89
N ILE A 160 8.56 10.91 11.00
CA ILE A 160 8.95 10.08 9.85
C ILE A 160 9.73 8.80 10.20
N ASP A 161 10.39 8.80 11.36
CA ASP A 161 11.16 7.66 11.88
C ASP A 161 10.33 6.81 12.85
N ASP A 162 9.34 7.42 13.53
CA ASP A 162 8.46 6.73 14.49
C ASP A 162 7.16 6.26 13.84
N HIS A 163 6.91 4.95 13.91
CA HIS A 163 5.74 4.28 13.35
C HIS A 163 5.31 3.14 14.29
N GLU A 164 4.02 3.08 14.63
CA GLU A 164 3.48 2.07 15.55
C GLU A 164 2.47 1.17 14.86
N ILE A 165 2.77 -0.15 14.82
CA ILE A 165 1.89 -1.14 14.22
C ILE A 165 0.86 -1.50 15.29
N LEU A 166 -0.38 -1.05 15.10
CA LEU A 166 -1.48 -1.24 16.05
C LEU A 166 -2.31 -2.48 15.79
N CYS A 167 -2.42 -2.90 14.52
CA CYS A 167 -3.19 -4.06 14.08
C CYS A 167 -2.69 -4.52 12.71
N ASP A 168 -2.32 -5.81 12.58
CA ASP A 168 -1.80 -6.37 11.33
C ASP A 168 -2.33 -7.80 11.04
N THR A 169 -2.32 -8.22 9.76
CA THR A 169 -2.76 -9.54 9.35
C THR A 169 -1.80 -10.66 9.79
N ILE A 170 -2.36 -11.73 10.38
CA ILE A 170 -1.60 -12.90 10.80
C ILE A 170 -1.79 -14.03 9.77
N ASP A 171 -2.87 -13.95 8.97
CA ASP A 171 -3.24 -14.89 7.92
C ASP A 171 -2.79 -14.32 6.55
N ILE A 172 -3.78 -14.04 5.67
CA ILE A 172 -3.63 -13.52 4.32
C ILE A 172 -4.21 -12.07 4.24
N ALA A 173 -3.95 -11.35 3.14
CA ALA A 173 -4.43 -9.97 2.95
C ALA A 173 -5.86 -9.90 2.38
N VAL A 174 -6.55 -8.74 2.52
CA VAL A 174 -7.92 -8.50 2.03
C VAL A 174 -8.07 -8.78 0.55
N GLY A 175 -7.13 -8.27 -0.25
CA GLY A 175 -7.09 -8.47 -1.69
C GLY A 175 -7.12 -9.93 -2.07
N ASP A 176 -6.29 -10.75 -1.39
CA ASP A 176 -6.23 -12.19 -1.60
C ASP A 176 -7.52 -12.86 -1.12
N SER A 177 -8.00 -12.48 0.10
CA SER A 177 -9.22 -13.03 0.72
C SER A 177 -10.46 -12.78 -0.15
N LEU A 178 -10.64 -11.54 -0.65
CA LEU A 178 -11.76 -11.16 -1.52
C LEU A 178 -11.65 -11.78 -2.91
N ASP A 179 -10.41 -11.99 -3.41
CA ASP A 179 -10.15 -12.61 -4.72
C ASP A 179 -10.32 -14.13 -4.68
N LYS A 180 -9.93 -14.79 -3.56
CA LYS A 180 -10.03 -16.23 -3.38
C LYS A 180 -11.48 -16.67 -3.17
N CYS A 181 -12.22 -15.97 -2.28
CA CYS A 181 -13.62 -16.30 -2.02
C CYS A 181 -14.56 -15.79 -3.11
N GLY A 182 -14.08 -14.81 -3.88
CA GLY A 182 -14.79 -14.26 -5.03
C GLY A 182 -14.76 -15.25 -6.19
N ARG A 183 -13.62 -15.98 -6.32
CA ARG A 183 -13.39 -17.02 -7.32
C ARG A 183 -14.32 -18.21 -7.13
N GLU A 184 -14.71 -18.48 -5.86
CA GLU A 184 -15.63 -19.54 -5.46
C GLU A 184 -17.06 -19.19 -5.93
N LEU A 185 -17.34 -17.87 -6.01
CA LEU A 185 -18.62 -17.31 -6.43
C LEU A 185 -18.79 -17.24 -7.96
N GLY A 186 -17.68 -17.28 -8.70
CA GLY A 186 -17.72 -17.28 -10.17
C GLY A 186 -16.83 -16.31 -10.91
N PHE A 187 -16.44 -15.19 -10.27
CA PHE A 187 -15.59 -14.14 -10.87
C PHE A 187 -14.17 -14.65 -11.15
N LYS A 188 -13.62 -14.34 -12.35
CA LYS A 188 -12.29 -14.79 -12.75
C LYS A 188 -11.53 -13.81 -13.70
N GLY A 189 -11.72 -12.51 -13.49
CA GLY A 189 -11.07 -11.47 -14.29
C GLY A 189 -9.66 -11.12 -13.86
N THR A 190 -9.15 -9.96 -14.35
CA THR A 190 -7.82 -9.44 -14.02
C THR A 190 -7.74 -8.94 -12.56
N MSE A 191 -8.69 -8.08 -12.16
CA MSE A 191 -8.79 -7.54 -10.80
C MSE A 191 -10.12 -8.06 -10.20
O MSE A 191 -11.14 -7.36 -10.22
CB MSE A 191 -8.69 -5.99 -10.79
CG MSE A 191 -7.37 -5.45 -11.33
SE MSE A 191 -5.80 -6.42 -10.69
CE MSE A 191 -5.77 -5.80 -8.84
N ILE A 192 -10.08 -9.33 -9.73
CA ILE A 192 -11.19 -10.10 -9.16
C ILE A 192 -12.01 -9.35 -8.10
N ALA A 193 -11.34 -8.71 -7.12
CA ALA A 193 -11.97 -8.00 -6.01
C ALA A 193 -12.99 -6.92 -6.40
N ARG A 194 -12.60 -5.97 -7.28
CA ARG A 194 -13.46 -4.86 -7.72
C ARG A 194 -14.64 -5.28 -8.60
N GLU A 195 -14.50 -6.39 -9.35
CA GLU A 195 -15.57 -6.92 -10.21
C GLU A 195 -16.77 -7.38 -9.38
N MSE A 196 -16.52 -7.91 -8.16
CA MSE A 196 -17.57 -8.34 -7.23
C MSE A 196 -18.33 -7.10 -6.74
O MSE A 196 -19.56 -7.11 -6.78
CB MSE A 196 -16.99 -9.15 -6.05
CG MSE A 196 -18.07 -9.77 -5.16
SE MSE A 196 -17.42 -11.12 -3.90
CE MSE A 196 -16.55 -9.95 -2.60
N GLU A 197 -17.61 -6.03 -6.36
CA GLU A 197 -18.17 -4.76 -5.90
C GLU A 197 -19.08 -4.16 -6.99
N LYS A 198 -18.63 -4.20 -8.26
CA LYS A 198 -19.36 -3.71 -9.43
C LYS A 198 -20.64 -4.52 -9.67
N PHE A 199 -20.60 -5.83 -9.36
CA PHE A 199 -21.74 -6.74 -9.50
C PHE A 199 -22.79 -6.43 -8.42
N ILE A 200 -22.34 -6.17 -7.16
CA ILE A 200 -23.20 -5.83 -6.02
C ILE A 200 -23.85 -4.46 -6.28
N ASN A 201 -23.07 -3.51 -6.82
CA ASN A 201 -23.52 -2.15 -7.09
C ASN A 201 -24.28 -1.91 -8.42
N GLN A 202 -24.47 -2.96 -9.25
CA GLN A 202 -25.22 -2.84 -10.50
C GLN A 202 -26.73 -2.69 -10.22
N ASP A 203 -27.20 -3.33 -9.11
CA ASP A 203 -28.57 -3.31 -8.61
C ASP A 203 -28.56 -3.83 -7.16
N ILE A 204 -28.24 -2.93 -6.21
CA ILE A 204 -28.10 -3.23 -4.78
C ILE A 204 -29.38 -3.73 -4.10
N ASN A 205 -30.56 -3.32 -4.60
CA ASN A 205 -31.85 -3.68 -4.03
C ASN A 205 -32.37 -5.06 -4.44
N ASP A 206 -32.08 -5.50 -5.68
CA ASP A 206 -32.50 -6.82 -6.18
C ASP A 206 -31.56 -7.90 -5.67
N GLN A 207 -31.91 -8.47 -4.51
CA GLN A 207 -31.20 -9.51 -3.78
C GLN A 207 -32.20 -10.40 -3.07
N ASP A 208 -31.81 -11.66 -2.81
CA ASP A 208 -32.64 -12.58 -2.03
C ASP A 208 -32.20 -12.43 -0.58
N PHE A 209 -32.86 -11.50 0.16
CA PHE A 209 -32.56 -11.21 1.57
C PHE A 209 -32.89 -12.41 2.47
N ALA A 210 -33.74 -13.34 1.95
CA ALA A 210 -34.13 -14.59 2.62
C ALA A 210 -32.90 -15.50 2.78
N LEU A 211 -31.93 -15.41 1.84
CA LEU A 211 -30.68 -16.16 1.89
C LEU A 211 -29.81 -15.53 3.00
N LYS A 212 -30.04 -15.98 4.25
CA LYS A 212 -29.30 -15.48 5.40
C LYS A 212 -28.02 -16.25 5.59
N LEU A 213 -26.98 -15.82 4.88
CA LEU A 213 -25.63 -16.38 4.89
C LEU A 213 -24.96 -15.80 6.15
N GLU A 214 -25.08 -16.52 7.27
CA GLU A 214 -24.55 -16.10 8.58
C GLU A 214 -23.26 -16.85 8.90
N MSE A 215 -22.17 -16.10 9.15
CA MSE A 215 -20.85 -16.63 9.47
C MSE A 215 -20.15 -15.90 10.62
O MSE A 215 -20.18 -14.66 10.68
CB MSE A 215 -19.95 -16.66 8.21
CG MSE A 215 -19.90 -15.35 7.43
SE MSE A 215 -19.56 -15.63 5.54
CE MSE A 215 -17.67 -15.96 5.58
N ASN A 227 -5.10 -11.31 19.39
CA ASN A 227 -6.50 -10.95 19.55
C ASN A 227 -6.72 -9.44 19.40
N MSE A 228 -5.92 -8.64 20.13
CA MSE A 228 -5.96 -7.18 20.17
C MSE A 228 -5.33 -6.50 18.94
O MSE A 228 -5.96 -5.64 18.34
CB MSE A 228 -5.32 -6.70 21.51
CG MSE A 228 -5.04 -5.20 21.59
SE MSE A 228 -6.63 -4.07 21.53
CE MSE A 228 -5.72 -2.36 21.41
N LEU A 229 -4.07 -6.88 18.59
CA LEU A 229 -3.30 -6.29 17.49
C LEU A 229 -3.26 -7.18 16.21
N SER A 230 -4.31 -8.00 15.96
CA SER A 230 -4.29 -8.91 14.82
C SER A 230 -5.56 -9.03 13.98
N PHE A 231 -5.37 -9.20 12.65
CA PHE A 231 -6.41 -9.40 11.63
C PHE A 231 -6.29 -10.83 11.07
N SER A 232 -7.42 -11.49 10.77
CA SER A 232 -7.47 -12.85 10.22
C SER A 232 -8.41 -12.93 9.01
N PHE A 233 -7.93 -13.45 7.86
CA PHE A 233 -8.74 -13.53 6.64
C PHE A 233 -8.87 -14.89 5.96
N SER A 234 -7.91 -15.81 6.19
CA SER A 234 -7.90 -17.17 5.62
C SER A 234 -9.11 -18.04 6.00
N ALA A 235 -9.89 -17.60 7.01
CA ALA A 235 -11.08 -18.29 7.50
C ALA A 235 -12.33 -18.04 6.64
N PHE A 236 -12.44 -16.84 6.03
CA PHE A 236 -13.59 -16.42 5.22
C PHE A 236 -13.92 -17.33 4.03
N ILE A 237 -12.90 -17.79 3.29
CA ILE A 237 -13.05 -18.70 2.14
C ILE A 237 -13.60 -20.07 2.63
N THR A 238 -13.04 -20.58 3.75
CA THR A 238 -13.44 -21.85 4.38
C THR A 238 -14.85 -21.75 4.97
N ALA A 239 -15.19 -20.58 5.54
CA ALA A 239 -16.51 -20.32 6.15
C ALA A 239 -17.61 -20.13 5.11
N LEU A 240 -17.26 -19.60 3.91
CA LEU A 240 -18.21 -19.40 2.83
C LEU A 240 -18.61 -20.75 2.22
N ARG A 241 -17.63 -21.65 2.00
CA ARG A 241 -17.82 -23.01 1.46
C ARG A 241 -18.74 -23.85 2.36
N THR A 242 -18.57 -23.74 3.69
CA THR A 242 -19.40 -24.44 4.69
C THR A 242 -20.82 -23.87 4.71
N ASN A 243 -20.94 -22.54 4.52
CA ASN A 243 -22.22 -21.84 4.45
C ASN A 243 -22.96 -22.22 3.16
N LEU A 244 -22.19 -22.45 2.07
CA LEU A 244 -22.73 -22.84 0.77
C LEU A 244 -23.19 -24.28 0.75
N THR A 245 -22.47 -25.19 1.45
CA THR A 245 -22.83 -26.61 1.54
C THR A 245 -24.06 -26.82 2.44
N LYS A 246 -24.18 -26.03 3.52
CA LYS A 246 -25.31 -26.06 4.46
C LYS A 246 -26.57 -25.53 3.77
N LEU A 247 -26.46 -24.39 3.06
CA LEU A 247 -27.58 -23.80 2.34
C LEU A 247 -27.83 -24.49 0.99
N GLY A 248 -29.03 -24.25 0.44
CA GLY A 248 -29.58 -24.78 -0.81
C GLY A 248 -28.66 -25.43 -1.83
N LYS A 249 -27.94 -24.61 -2.63
CA LYS A 249 -27.05 -25.08 -3.70
C LYS A 249 -25.65 -24.45 -3.69
N THR A 250 -24.66 -25.22 -4.19
CA THR A 250 -23.25 -24.85 -4.30
C THR A 250 -22.83 -24.44 -5.72
N GLU A 251 -23.48 -25.04 -6.75
CA GLU A 251 -23.19 -24.78 -8.17
C GLU A 251 -23.45 -23.32 -8.55
N ILE A 252 -22.39 -22.50 -8.59
CA ILE A 252 -22.43 -21.07 -8.91
C ILE A 252 -22.91 -20.77 -10.33
N GLN A 253 -22.71 -21.72 -11.27
CA GLN A 253 -23.11 -21.60 -12.68
C GLN A 253 -24.63 -21.61 -12.85
N GLU A 254 -25.33 -22.49 -12.10
CA GLU A 254 -26.79 -22.65 -12.14
C GLU A 254 -27.52 -21.57 -11.31
N LEU A 255 -26.87 -21.09 -10.23
CA LEU A 255 -27.37 -20.08 -9.30
C LEU A 255 -27.85 -18.78 -9.96
N PRO A 256 -29.01 -18.22 -9.54
CA PRO A 256 -29.48 -16.96 -10.14
C PRO A 256 -28.68 -15.75 -9.66
N GLU A 257 -28.67 -14.67 -10.45
CA GLU A 257 -27.92 -13.43 -10.17
C GLU A 257 -28.25 -12.73 -8.85
N ARG A 258 -29.53 -12.74 -8.44
CA ARG A 258 -29.99 -12.11 -7.20
C ARG A 258 -29.46 -12.82 -5.93
N GLU A 259 -29.43 -14.17 -5.94
CA GLU A 259 -28.95 -14.97 -4.81
C GLU A 259 -27.45 -14.83 -4.60
N ILE A 260 -26.65 -14.89 -5.69
CA ILE A 260 -25.19 -14.71 -5.64
C ILE A 260 -24.79 -13.27 -5.25
N ARG A 261 -25.75 -12.33 -5.35
CA ARG A 261 -25.57 -10.92 -4.99
C ARG A 261 -25.75 -10.72 -3.49
N SER A 262 -26.65 -11.52 -2.86
CA SER A 262 -26.90 -11.47 -1.42
C SER A 262 -25.75 -12.16 -0.67
N ILE A 263 -25.06 -13.11 -1.35
CA ILE A 263 -23.90 -13.82 -0.82
C ILE A 263 -22.71 -12.85 -0.86
N ALA A 264 -22.45 -12.26 -2.05
CA ALA A 264 -21.38 -11.29 -2.32
C ALA A 264 -21.46 -10.09 -1.38
N TYR A 265 -22.69 -9.61 -1.09
CA TYR A 265 -22.94 -8.51 -0.15
C TYR A 265 -22.56 -8.92 1.27
N GLN A 266 -23.01 -10.12 1.70
CA GLN A 266 -22.77 -10.65 3.03
C GLN A 266 -21.32 -11.02 3.31
N VAL A 267 -20.58 -11.52 2.28
CA VAL A 267 -19.16 -11.87 2.45
C VAL A 267 -18.34 -10.59 2.60
N GLN A 268 -18.63 -9.58 1.73
CA GLN A 268 -18.00 -8.26 1.73
C GLN A 268 -18.34 -7.51 3.02
N GLU A 269 -19.56 -7.71 3.55
CA GLU A 269 -20.01 -7.07 4.77
C GLU A 269 -19.24 -7.62 5.97
N SER A 270 -19.06 -8.94 6.02
CA SER A 270 -18.36 -9.63 7.10
C SER A 270 -16.86 -9.35 7.10
N VAL A 271 -16.23 -9.31 5.90
CA VAL A 271 -14.80 -9.02 5.74
C VAL A 271 -14.51 -7.61 6.29
N PHE A 272 -15.36 -6.63 5.91
CA PHE A 272 -15.22 -5.24 6.34
C PHE A 272 -15.62 -5.03 7.79
N ASP A 273 -16.66 -5.75 8.30
CA ASP A 273 -17.12 -5.65 9.69
C ASP A 273 -16.00 -6.06 10.64
N HIS A 274 -15.16 -7.02 10.23
CA HIS A 274 -14.03 -7.50 11.03
C HIS A 274 -12.95 -6.43 11.14
N ILE A 275 -12.63 -5.75 10.02
CA ILE A 275 -11.64 -4.66 9.97
C ILE A 275 -12.11 -3.52 10.88
N ILE A 276 -13.35 -3.03 10.68
CA ILE A 276 -14.01 -1.97 11.47
C ILE A 276 -13.98 -2.29 12.99
N ASN A 277 -14.45 -3.49 13.37
CA ASN A 277 -14.50 -3.96 14.76
C ASN A 277 -13.14 -3.98 15.45
N LYS A 278 -12.06 -4.22 14.68
CA LYS A 278 -10.70 -4.23 15.20
C LYS A 278 -10.11 -2.83 15.29
N LEU A 279 -10.57 -1.90 14.42
CA LEU A 279 -10.13 -0.50 14.44
C LEU A 279 -10.85 0.20 15.59
N LYS A 280 -12.14 -0.18 15.83
CA LYS A 280 -12.98 0.32 16.91
C LYS A 280 -12.41 -0.12 18.24
N HIS A 281 -11.90 -1.38 18.28
CA HIS A 281 -11.29 -1.98 19.46
C HIS A 281 -10.01 -1.23 19.84
N VAL A 282 -9.10 -1.02 18.85
CA VAL A 282 -7.81 -0.32 19.02
C VAL A 282 -7.98 1.09 19.59
N LEU A 283 -8.85 1.91 18.95
CA LEU A 283 -9.13 3.30 19.33
C LEU A 283 -9.71 3.48 20.73
N LYS A 284 -10.70 2.65 21.10
CA LYS A 284 -11.36 2.73 22.42
C LYS A 284 -10.54 2.11 23.57
N SER A 285 -9.60 1.20 23.24
CA SER A 285 -8.74 0.53 24.23
C SER A 285 -7.65 1.47 24.74
N GLN A 286 -6.96 2.18 23.81
CA GLN A 286 -5.90 3.13 24.14
C GLN A 286 -6.15 4.49 23.47
N PRO A 287 -7.06 5.35 24.02
CA PRO A 287 -7.32 6.65 23.38
C PRO A 287 -6.26 7.72 23.62
N GLU A 288 -5.28 7.46 24.52
CA GLU A 288 -4.16 8.36 24.84
C GLU A 288 -3.25 8.54 23.62
N LYS A 289 -3.07 7.46 22.83
CA LYS A 289 -2.26 7.42 21.61
C LYS A 289 -2.93 8.20 20.49
N PHE A 290 -4.27 8.34 20.56
CA PHE A 290 -5.11 8.99 19.55
C PHE A 290 -5.70 10.34 19.95
N LYS A 291 -5.15 10.97 21.00
CA LYS A 291 -5.60 12.28 21.51
C LYS A 291 -5.38 13.42 20.51
N ASN A 292 -4.32 13.32 19.68
CA ASN A 292 -3.96 14.35 18.69
C ASN A 292 -4.12 13.93 17.21
N VAL A 293 -4.76 12.77 16.95
CA VAL A 293 -4.99 12.33 15.56
C VAL A 293 -6.24 13.00 14.94
N ARG A 294 -6.02 13.79 13.87
CA ARG A 294 -7.08 14.53 13.18
C ARG A 294 -7.28 14.09 11.72
N GLU A 295 -6.54 13.06 11.27
CA GLU A 295 -6.63 12.53 9.91
C GLU A 295 -6.39 11.01 9.79
N PHE A 296 -7.31 10.33 9.09
CA PHE A 296 -7.29 8.89 8.82
C PHE A 296 -6.98 8.66 7.32
N VAL A 297 -5.94 7.86 7.01
CA VAL A 297 -5.56 7.57 5.62
C VAL A 297 -5.76 6.09 5.26
N CYS A 298 -6.75 5.79 4.40
CA CYS A 298 -7.03 4.44 3.93
C CYS A 298 -6.42 4.31 2.51
N SER A 299 -5.24 3.67 2.41
CA SER A 299 -4.52 3.50 1.14
C SER A 299 -4.37 2.04 0.75
N GLY A 300 -4.35 1.79 -0.56
CA GLY A 300 -4.22 0.45 -1.13
C GLY A 300 -5.31 0.10 -2.13
N GLY A 301 -5.28 -1.15 -2.59
CA GLY A 301 -6.20 -1.70 -3.58
C GLY A 301 -7.65 -1.80 -3.17
N VAL A 302 -7.90 -2.13 -1.88
CA VAL A 302 -9.25 -2.30 -1.34
C VAL A 302 -9.91 -0.94 -0.97
N SER A 303 -9.11 0.13 -0.84
CA SER A 303 -9.57 1.49 -0.54
C SER A 303 -10.50 2.04 -1.63
N SER A 304 -10.40 1.47 -2.85
CA SER A 304 -11.20 1.78 -4.03
C SER A 304 -12.69 1.42 -3.84
N ASN A 305 -13.02 0.60 -2.82
CA ASN A 305 -14.36 0.14 -2.46
C ASN A 305 -15.15 1.23 -1.73
N GLN A 306 -16.29 1.66 -2.32
CA GLN A 306 -17.16 2.71 -1.75
C GLN A 306 -17.85 2.28 -0.45
N ARG A 307 -18.21 0.97 -0.31
CA ARG A 307 -18.83 0.45 0.91
C ARG A 307 -17.84 0.49 2.09
N LEU A 308 -16.58 0.06 1.86
CA LEU A 308 -15.51 0.09 2.87
C LEU A 308 -15.35 1.51 3.40
N ARG A 309 -15.33 2.50 2.47
CA ARG A 309 -15.21 3.93 2.75
C ARG A 309 -16.38 4.40 3.62
N THR A 310 -17.65 4.14 3.18
CA THR A 310 -18.85 4.53 3.91
C THR A 310 -18.96 3.87 5.27
N LYS A 311 -18.47 2.61 5.40
CA LYS A 311 -18.47 1.88 6.66
C LYS A 311 -17.51 2.54 7.65
N LEU A 312 -16.30 2.90 7.16
CA LEU A 312 -15.25 3.57 7.94
C LEU A 312 -15.73 4.91 8.51
N GLU A 313 -16.30 5.74 7.62
CA GLU A 313 -16.79 7.08 7.96
C GLU A 313 -18.02 7.09 8.87
N THR A 314 -18.84 6.02 8.81
CA THR A 314 -20.05 5.89 9.63
C THR A 314 -19.72 5.54 11.08
N GLU A 315 -19.05 4.39 11.29
CA GLU A 315 -18.72 3.83 12.61
C GLU A 315 -17.76 4.68 13.45
N LEU A 316 -16.63 5.09 12.87
CA LEU A 316 -15.61 5.90 13.56
C LEU A 316 -16.05 7.33 13.91
N GLY A 317 -17.06 7.84 13.18
CA GLY A 317 -17.59 9.19 13.36
C GLY A 317 -18.70 9.33 14.38
N THR A 318 -19.29 8.20 14.85
CA THR A 318 -20.38 8.20 15.83
C THR A 318 -19.95 7.83 17.26
N LEU A 319 -18.81 7.10 17.39
CA LEU A 319 -18.25 6.66 18.67
C LEU A 319 -17.67 7.84 19.46
N ASN A 320 -18.11 8.00 20.72
CA ASN A 320 -17.72 9.10 21.62
C ASN A 320 -16.25 9.16 22.02
N SER A 321 -15.70 8.06 22.58
CA SER A 321 -14.30 7.99 23.04
C SER A 321 -13.29 8.20 21.91
N THR A 322 -13.66 7.84 20.67
CA THR A 322 -12.81 7.98 19.48
C THR A 322 -12.74 9.45 19.05
N SER A 323 -11.51 9.95 18.78
CA SER A 323 -11.28 11.33 18.34
C SER A 323 -11.74 11.51 16.90
N PHE A 324 -12.30 12.70 16.57
CA PHE A 324 -12.80 13.04 15.23
C PHE A 324 -11.73 12.94 14.15
N PHE A 325 -12.10 12.39 12.97
CA PHE A 325 -11.20 12.17 11.84
C PHE A 325 -11.58 12.92 10.56
N ASN A 326 -10.61 12.98 9.63
CA ASN A 326 -10.74 13.55 8.28
C ASN A 326 -10.10 12.50 7.35
N PHE A 327 -10.95 11.73 6.66
CA PHE A 327 -10.58 10.61 5.81
C PHE A 327 -10.00 11.01 4.46
N TYR A 328 -8.82 10.45 4.14
CA TYR A 328 -8.10 10.73 2.90
C TYR A 328 -7.81 9.48 2.08
N TYR A 329 -8.40 9.41 0.87
CA TYR A 329 -8.25 8.26 -0.04
C TYR A 329 -7.35 8.61 -1.24
N PRO A 330 -6.06 8.18 -1.20
CA PRO A 330 -5.13 8.52 -2.29
C PRO A 330 -5.44 7.85 -3.64
N PRO A 331 -4.92 8.37 -4.79
CA PRO A 331 -5.18 7.71 -6.08
C PRO A 331 -4.60 6.31 -6.16
N MSE A 332 -5.18 5.46 -7.02
CA MSE A 332 -4.75 4.07 -7.20
C MSE A 332 -3.32 3.92 -7.76
O MSE A 332 -2.68 2.90 -7.48
CB MSE A 332 -5.77 3.27 -8.04
CG MSE A 332 -6.93 2.75 -7.20
SE MSE A 332 -6.38 1.60 -5.70
CE MSE A 332 -5.63 0.10 -6.72
N ASP A 333 -2.84 4.93 -8.51
CA ASP A 333 -1.50 4.96 -9.08
C ASP A 333 -0.45 5.04 -7.97
N LEU A 334 -0.66 5.95 -7.00
CA LEU A 334 0.22 6.15 -5.86
C LEU A 334 0.11 5.04 -4.81
N CYS A 335 -1.11 4.48 -4.64
CA CYS A 335 -1.40 3.39 -3.70
C CYS A 335 -0.67 2.11 -4.06
N SER A 336 -0.82 1.63 -5.32
CA SER A 336 -0.13 0.44 -5.81
C SER A 336 1.36 0.75 -5.98
N ASP A 337 2.23 -0.25 -5.74
CA ASP A 337 3.69 -0.15 -5.80
C ASP A 337 4.20 0.65 -6.99
N ASN A 338 4.84 1.79 -6.69
CA ASN A 338 5.43 2.73 -7.66
C ASN A 338 6.74 3.28 -7.09
N SER A 339 7.49 4.08 -7.89
CA SER A 339 8.74 4.67 -7.43
C SER A 339 8.63 6.09 -6.86
N ILE A 340 7.56 6.83 -7.22
CA ILE A 340 7.29 8.21 -6.77
C ILE A 340 7.32 8.33 -5.22
N MSE A 341 6.77 7.33 -4.52
CA MSE A 341 6.73 7.23 -3.07
C MSE A 341 8.13 7.13 -2.41
O MSE A 341 8.33 7.69 -1.33
CB MSE A 341 5.84 6.06 -2.63
CG MSE A 341 6.35 4.68 -3.05
SE MSE A 341 5.01 3.32 -2.84
CE MSE A 341 6.20 1.77 -2.69
N ILE A 342 9.07 6.41 -3.06
CA ILE A 342 10.46 6.22 -2.63
C ILE A 342 11.18 7.57 -2.77
N GLY A 343 10.92 8.25 -3.89
CA GLY A 343 11.42 9.58 -4.20
C GLY A 343 10.89 10.60 -3.22
N TRP A 344 9.64 10.41 -2.76
CA TRP A 344 9.04 11.30 -1.78
C TRP A 344 9.57 11.05 -0.37
N ALA A 345 9.60 9.77 0.07
CA ALA A 345 10.11 9.39 1.40
C ALA A 345 11.59 9.79 1.56
N GLY A 346 12.33 9.70 0.45
CA GLY A 346 13.73 10.11 0.38
C GLY A 346 13.87 11.60 0.57
N ILE A 347 12.97 12.39 -0.07
CA ILE A 347 12.90 13.85 0.04
C ILE A 347 12.68 14.21 1.52
N GLU A 348 11.71 13.53 2.19
CA GLU A 348 11.40 13.76 3.59
C GLU A 348 12.61 13.46 4.50
N ILE A 349 13.33 12.36 4.23
CA ILE A 349 14.52 11.94 5.00
C ILE A 349 15.72 12.87 4.76
N TRP A 350 15.99 13.23 3.49
CA TRP A 350 17.08 14.14 3.12
C TRP A 350 16.88 15.54 3.71
N GLU A 351 15.61 16.00 3.82
CA GLU A 351 15.27 17.32 4.32
C GLU A 351 15.01 17.42 5.83
N SER A 352 14.05 16.62 6.36
CA SER A 352 13.67 16.66 7.77
C SER A 352 14.62 15.92 8.73
N LEU A 353 15.37 14.92 8.23
CA LEU A 353 16.32 14.16 9.05
C LEU A 353 17.77 14.40 8.65
N ARG A 354 17.99 14.84 7.39
CA ARG A 354 19.31 15.11 6.80
C ARG A 354 20.25 13.90 6.84
N LEU A 355 19.77 12.78 6.27
CA LEU A 355 20.49 11.51 6.20
C LEU A 355 20.62 11.03 4.76
N VAL A 356 21.73 10.35 4.47
CA VAL A 356 22.08 9.78 3.18
C VAL A 356 22.63 8.37 3.44
N SER A 357 22.27 7.40 2.59
CA SER A 357 22.76 6.04 2.74
C SER A 357 24.21 5.91 2.22
N ASP A 358 25.01 5.03 2.85
CA ASP A 358 26.39 4.77 2.44
C ASP A 358 26.41 3.99 1.14
N LEU A 359 27.48 4.14 0.34
CA LEU A 359 27.67 3.48 -0.95
C LEU A 359 27.86 1.95 -0.87
N ASP A 360 28.13 1.42 0.33
CA ASP A 360 28.32 -0.02 0.57
C ASP A 360 27.01 -0.72 0.95
N ILE A 361 25.87 -0.05 0.71
CA ILE A 361 24.52 -0.49 1.02
C ILE A 361 24.12 -1.82 0.36
N CYS A 362 23.37 -2.66 1.09
CA CYS A 362 22.95 -3.97 0.60
C CYS A 362 21.48 -4.25 0.91
N PRO A 363 20.78 -5.13 0.12
CA PRO A 363 19.36 -5.40 0.39
C PRO A 363 19.10 -6.02 1.76
N ILE A 364 17.95 -5.66 2.38
CA ILE A 364 17.51 -6.18 3.68
C ILE A 364 16.11 -6.80 3.46
N ARG A 365 16.05 -8.15 3.44
CA ARG A 365 14.86 -8.98 3.18
C ARG A 365 13.64 -8.66 4.05
N GLN A 366 13.79 -8.77 5.38
CA GLN A 366 12.71 -8.50 6.31
C GLN A 366 13.05 -7.33 7.23
N TRP A 367 13.34 -6.16 6.61
CA TRP A 367 13.70 -4.91 7.27
C TRP A 367 12.53 -4.32 8.07
N PRO A 368 12.56 -4.38 9.43
CA PRO A 368 11.43 -3.82 10.20
C PRO A 368 11.38 -2.29 10.12
N LEU A 369 10.16 -1.73 10.18
CA LEU A 369 9.90 -0.30 10.10
C LEU A 369 10.44 0.49 11.30
N ASN A 370 10.43 -0.12 12.49
CA ASN A 370 10.99 0.52 13.69
C ASN A 370 12.52 0.46 13.64
N ASP A 371 13.06 -0.50 12.89
CA ASP A 371 14.50 -0.70 12.68
C ASP A 371 14.98 0.07 11.43
N LEU A 372 14.31 1.20 11.11
CA LEU A 372 14.60 2.08 9.96
C LEU A 372 15.97 2.77 10.07
N LEU A 373 16.27 3.37 11.24
CA LEU A 373 17.53 4.08 11.45
C LEU A 373 18.52 3.36 12.37
N SER A 374 18.11 2.20 12.91
CA SER A 374 18.94 1.38 13.79
C SER A 374 19.96 0.58 12.98
N VAL A 375 19.56 0.09 11.79
CA VAL A 375 20.42 -0.69 10.90
C VAL A 375 21.54 0.17 10.27
N ASP A 376 22.68 -0.46 9.93
CA ASP A 376 23.84 0.18 9.32
C ASP A 376 23.55 0.74 7.93
N GLY A 377 24.34 1.73 7.53
CA GLY A 377 24.23 2.37 6.22
C GLY A 377 23.94 3.84 6.21
N TRP A 378 23.53 4.43 7.36
CA TRP A 378 23.20 5.85 7.44
C TRP A 378 24.41 6.76 7.69
N ARG A 379 24.46 7.89 6.96
CA ARG A 379 25.50 8.92 7.01
C ARG A 379 24.83 10.31 6.96
N THR A 380 25.19 11.19 7.89
CA THR A 380 24.64 12.55 8.01
C THR A 380 25.11 13.46 6.86
N ASP A 381 24.19 14.32 6.35
CA ASP A 381 24.44 15.29 5.28
C ASP A 381 24.56 16.72 5.84
N GLN A 382 24.08 16.93 7.09
CA GLN A 382 24.10 18.20 7.83
C GLN A 382 25.54 18.55 8.22
ZN ZN B . 4.31 -3.30 -1.91
CA CA C . 29.94 0.90 6.65
#